data_3GYB
#
_entry.id   3GYB
#
_cell.length_a   38.073
_cell.length_b   61.882
_cell.length_c   65.604
_cell.angle_alpha   115.83
_cell.angle_beta   106.37
_cell.angle_gamma   90.50
#
_symmetry.space_group_name_H-M   'P 1'
#
loop_
_entity.id
_entity.type
_entity.pdbx_description
1 polymer 'Transcriptional regulators (LACI-FAMILY TRANSCRIPTIONAL REGULATORY PROTEIN)'
2 non-polymer 'MAGNESIUM ION'
3 water water
#
_entity_poly.entity_id   1
_entity_poly.type   'polypeptide(L)'
_entity_poly.pdbx_seq_one_letter_code
;(MSE)SLRTQLIAVLIDDYSNPWFIDLIQSLSDVLTPKGYRLSVIDSLTSQAGTDPITSALS(MSE)RPDGIIIAQDIPD
FTVPDSLPPFVIAGTRITQASTHDSVANDDFRGAEIATKHLIDLGHTHIAHLRVGSGAGLRRFESFEAT(MSE)RAHGLE
PLSNDYLGPAVEHAGYTETLALLKEHPEVTAIFSSNDITAIGALGAARELGLRVPEDLSIIGYDNTPLAQTRLINLTTID
DNSIGVGYNAALLLLS(MSE)LDPEAPHPEI(MSE)HTLQPSLIERGTCAPREGHHHHHH
;
_entity_poly.pdbx_strand_id   A,B
#
loop_
_chem_comp.id
_chem_comp.type
_chem_comp.name
_chem_comp.formula
MG non-polymer 'MAGNESIUM ION' 'Mg 2'
#
# COMPACT_ATOMS: atom_id res chain seq x y z
N ARG A 4 -21.31 -24.48 7.29
CA ARG A 4 -20.53 -23.21 7.24
C ARG A 4 -19.34 -23.36 6.30
N THR A 5 -18.77 -22.24 5.88
CA THR A 5 -17.64 -22.24 4.96
C THR A 5 -16.32 -21.87 5.63
N GLN A 6 -16.40 -21.36 6.86
CA GLN A 6 -15.21 -20.96 7.61
C GLN A 6 -14.55 -19.78 6.92
N LEU A 7 -15.31 -19.12 6.06
CA LEU A 7 -14.82 -17.98 5.30
C LEU A 7 -15.31 -16.67 5.90
N ILE A 8 -14.40 -15.70 5.98
CA ILE A 8 -14.73 -14.38 6.48
C ILE A 8 -14.36 -13.40 5.39
N ALA A 9 -15.33 -12.62 4.92
CA ALA A 9 -15.09 -11.63 3.88
C ALA A 9 -14.67 -10.32 4.55
N VAL A 10 -13.63 -9.69 4.02
CA VAL A 10 -13.16 -8.44 4.58
C VAL A 10 -13.28 -7.37 3.49
N LEU A 11 -14.08 -6.34 3.75
CA LEU A 11 -14.28 -5.27 2.78
C LEU A 11 -13.47 -4.02 3.07
N ILE A 12 -12.65 -3.61 2.09
CA ILE A 12 -11.86 -2.40 2.23
C ILE A 12 -12.15 -1.53 1.02
N ASP A 13 -11.76 -0.27 1.06
CA ASP A 13 -12.03 0.61 -0.07
C ASP A 13 -11.03 0.59 -1.20
N ASP A 14 -9.75 0.77 -0.86
CA ASP A 14 -8.73 0.89 -1.89
C ASP A 14 -7.39 0.29 -1.48
N TYR A 15 -6.86 -0.60 -2.31
CA TYR A 15 -5.56 -1.23 -2.02
C TYR A 15 -4.43 -0.21 -1.96
N SER A 16 -4.65 0.95 -2.58
CA SER A 16 -3.64 2.02 -2.63
C SER A 16 -3.46 2.74 -1.29
N ASN A 17 -4.40 2.55 -0.37
CA ASN A 17 -4.33 3.17 0.95
C ASN A 17 -4.09 2.02 1.94
N PRO A 18 -2.84 1.81 2.35
CA PRO A 18 -2.41 0.76 3.27
C PRO A 18 -2.82 0.86 4.74
N TRP A 19 -3.83 1.68 5.05
CA TRP A 19 -4.27 1.82 6.43
C TRP A 19 -4.76 0.50 7.03
N PHE A 20 -5.31 -0.36 6.18
CA PHE A 20 -5.90 -1.64 6.58
C PHE A 20 -4.95 -2.82 6.75
N ILE A 21 -3.73 -2.70 6.27
CA ILE A 21 -2.79 -3.81 6.33
C ILE A 21 -2.57 -4.46 7.70
N ASP A 22 -2.18 -3.69 8.71
CA ASP A 22 -1.98 -4.32 10.01
C ASP A 22 -3.31 -4.64 10.71
N LEU A 23 -4.41 -4.07 10.21
CA LEU A 23 -5.72 -4.37 10.79
C LEU A 23 -6.08 -5.79 10.35
N ILE A 24 -5.84 -6.09 9.07
CA ILE A 24 -6.14 -7.42 8.56
C ILE A 24 -5.19 -8.44 9.17
N GLN A 25 -3.95 -8.04 9.40
CA GLN A 25 -2.98 -8.94 10.02
C GLN A 25 -3.47 -9.30 11.41
N SER A 26 -3.98 -8.30 12.13
CA SER A 26 -4.49 -8.52 13.47
C SER A 26 -5.75 -9.39 13.43
N LEU A 27 -6.65 -9.08 12.49
CA LEU A 27 -7.87 -9.87 12.33
C LEU A 27 -7.46 -11.33 12.10
N SER A 28 -6.48 -11.52 11.23
CA SER A 28 -6.00 -12.85 10.89
C SER A 28 -5.40 -13.60 12.07
N ASP A 29 -4.60 -12.90 12.87
CA ASP A 29 -3.96 -13.52 14.02
C ASP A 29 -4.99 -14.11 14.99
N VAL A 30 -6.15 -13.49 15.05
CA VAL A 30 -7.22 -13.95 15.95
C VAL A 30 -8.10 -15.00 15.30
N LEU A 31 -8.46 -14.79 14.03
CA LEU A 31 -9.35 -15.71 13.33
C LEU A 31 -8.78 -16.98 12.71
N THR A 32 -7.63 -16.89 12.05
CA THR A 32 -7.07 -18.08 11.39
C THR A 32 -6.70 -19.24 12.31
N PRO A 33 -6.21 -18.95 13.53
CA PRO A 33 -5.86 -20.08 14.41
C PRO A 33 -7.10 -20.91 14.74
N LYS A 34 -8.27 -20.30 14.57
CA LYS A 34 -9.54 -20.96 14.87
C LYS A 34 -10.15 -21.67 13.66
N GLY A 35 -9.42 -21.69 12.55
CA GLY A 35 -9.92 -22.37 11.37
C GLY A 35 -10.54 -21.49 10.28
N TYR A 36 -10.62 -20.19 10.53
CA TYR A 36 -11.21 -19.29 9.54
C TYR A 36 -10.18 -18.89 8.50
N ARG A 37 -10.68 -18.58 7.30
CA ARG A 37 -9.84 -18.13 6.19
C ARG A 37 -10.44 -16.79 5.75
N LEU A 38 -9.60 -15.87 5.32
CA LEU A 38 -10.06 -14.54 4.91
C LEU A 38 -9.89 -14.23 3.43
N SER A 39 -10.82 -13.46 2.89
CA SER A 39 -10.75 -13.04 1.49
C SER A 39 -11.17 -11.58 1.47
N VAL A 40 -10.47 -10.77 0.67
CA VAL A 40 -10.74 -9.35 0.60
C VAL A 40 -11.54 -8.89 -0.62
N ILE A 41 -12.48 -7.99 -0.36
CA ILE A 41 -13.34 -7.40 -1.38
C ILE A 41 -13.08 -5.90 -1.29
N ASP A 42 -12.79 -5.24 -2.41
CA ASP A 42 -12.54 -3.80 -2.36
C ASP A 42 -13.73 -3.06 -2.98
N SER A 43 -13.65 -1.74 -3.04
CA SER A 43 -14.76 -0.98 -3.60
C SER A 43 -14.49 -0.44 -5.00
N LEU A 44 -13.32 -0.74 -5.54
CA LEU A 44 -12.96 -0.24 -6.87
C LEU A 44 -12.78 -1.30 -7.94
N THR A 45 -12.45 -2.53 -7.54
CA THR A 45 -12.20 -3.57 -8.54
C THR A 45 -12.97 -4.89 -8.40
N SER A 46 -13.45 -5.20 -7.21
CA SER A 46 -14.16 -6.46 -7.01
C SER A 46 -15.46 -6.60 -7.81
N GLN A 47 -16.06 -5.48 -8.20
CA GLN A 47 -17.29 -5.52 -8.97
C GLN A 47 -17.39 -4.33 -9.90
N ALA A 48 -18.33 -4.39 -10.85
CA ALA A 48 -18.50 -3.32 -11.81
C ALA A 48 -19.22 -2.13 -11.18
N GLY A 49 -20.16 -2.42 -10.28
CA GLY A 49 -20.90 -1.35 -9.64
C GLY A 49 -20.39 -1.00 -8.25
N THR A 50 -21.30 -0.55 -7.40
CA THR A 50 -20.94 -0.18 -6.03
C THR A 50 -21.69 -1.04 -5.02
N ASP A 51 -21.65 -2.35 -5.23
CA ASP A 51 -22.33 -3.28 -4.34
C ASP A 51 -21.41 -4.38 -3.81
N PRO A 52 -20.34 -3.98 -3.10
CA PRO A 52 -19.38 -4.92 -2.54
C PRO A 52 -19.97 -5.97 -1.59
N ILE A 53 -21.08 -5.65 -0.94
CA ILE A 53 -21.70 -6.58 -0.02
C ILE A 53 -22.21 -7.79 -0.80
N THR A 54 -22.80 -7.54 -1.97
CA THR A 54 -23.31 -8.63 -2.80
C THR A 54 -22.13 -9.51 -3.23
N SER A 55 -20.98 -8.87 -3.46
CA SER A 55 -19.78 -9.61 -3.85
C SER A 55 -19.35 -10.51 -2.70
N ALA A 56 -19.36 -9.97 -1.49
CA ALA A 56 -18.97 -10.74 -0.31
C ALA A 56 -19.90 -11.94 -0.12
N LEU A 57 -21.19 -11.70 -0.27
CA LEU A 57 -22.19 -12.75 -0.10
C LEU A 57 -22.01 -13.91 -1.08
N SER A 58 -21.46 -13.63 -2.25
CA SER A 58 -21.27 -14.67 -3.26
C SER A 58 -20.38 -15.81 -2.82
N MSE A 59 -19.52 -15.56 -1.83
CA MSE A 59 -18.62 -16.60 -1.35
C MSE A 59 -19.26 -17.34 -0.17
O MSE A 59 -18.69 -18.29 0.37
CB MSE A 59 -17.26 -16.01 -0.92
CG MSE A 59 -17.25 -15.29 0.42
SE MSE A 59 -15.46 -14.70 1.01
CE MSE A 59 -14.79 -16.25 1.71
N ARG A 60 -20.47 -16.93 0.19
CA ARG A 60 -21.21 -17.52 1.30
C ARG A 60 -20.33 -17.53 2.55
N PRO A 61 -19.91 -16.33 2.99
CA PRO A 61 -19.07 -16.21 4.19
C PRO A 61 -19.86 -16.44 5.48
N ASP A 62 -19.17 -16.95 6.51
CA ASP A 62 -19.81 -17.18 7.79
C ASP A 62 -19.99 -15.83 8.49
N GLY A 63 -19.06 -14.91 8.20
CA GLY A 63 -19.11 -13.59 8.79
C GLY A 63 -18.47 -12.57 7.86
N ILE A 64 -18.69 -11.29 8.13
CA ILE A 64 -18.14 -10.24 7.30
C ILE A 64 -17.58 -9.08 8.13
N ILE A 65 -16.38 -8.64 7.78
CA ILE A 65 -15.80 -7.49 8.47
C ILE A 65 -15.92 -6.37 7.44
N ILE A 66 -16.63 -5.30 7.79
CA ILE A 66 -16.80 -4.18 6.89
C ILE A 66 -15.86 -3.05 7.29
N ALA A 67 -14.80 -2.88 6.53
CA ALA A 67 -13.82 -1.83 6.81
C ALA A 67 -13.84 -0.81 5.68
N GLN A 68 -15.03 -0.60 5.14
CA GLN A 68 -15.27 0.34 4.04
C GLN A 68 -16.15 1.48 4.57
N ASP A 69 -16.11 2.61 3.88
CA ASP A 69 -16.92 3.76 4.24
C ASP A 69 -18.25 3.64 3.51
N ILE A 70 -19.29 3.22 4.23
CA ILE A 70 -20.61 3.07 3.63
C ILE A 70 -21.68 3.74 4.49
N LEU A 79 -28.55 -11.29 6.16
CA LEU A 79 -27.11 -11.04 6.07
C LEU A 79 -26.38 -11.74 7.20
N PRO A 80 -25.22 -12.33 6.91
CA PRO A 80 -24.43 -13.03 7.94
C PRO A 80 -23.97 -12.03 9.00
N PRO A 81 -23.50 -12.53 10.16
CA PRO A 81 -23.03 -11.62 11.20
C PRO A 81 -21.91 -10.74 10.65
N PHE A 82 -21.90 -9.47 11.04
CA PHE A 82 -20.87 -8.56 10.57
C PHE A 82 -20.44 -7.56 11.65
N VAL A 83 -19.25 -7.02 11.46
CA VAL A 83 -18.69 -6.02 12.36
C VAL A 83 -18.07 -4.95 11.49
N ILE A 84 -18.33 -3.70 11.83
CA ILE A 84 -17.76 -2.58 11.10
C ILE A 84 -16.45 -2.26 11.82
N ALA A 85 -15.34 -2.25 11.07
CA ALA A 85 -14.03 -1.99 11.66
C ALA A 85 -13.30 -0.80 11.05
N GLY A 86 -12.69 0.00 11.91
CA GLY A 86 -11.93 1.14 11.43
C GLY A 86 -12.76 2.40 11.32
N THR A 87 -14.07 2.25 11.23
CA THR A 87 -14.97 3.39 11.12
C THR A 87 -16.32 3.04 11.76
N ARG A 88 -17.29 3.93 11.58
CA ARG A 88 -18.62 3.74 12.13
C ARG A 88 -19.47 4.96 11.82
N ILE A 89 -20.78 4.84 12.00
CA ILE A 89 -21.69 5.95 11.76
C ILE A 89 -21.61 6.81 13.01
N THR A 90 -21.26 8.07 12.86
CA THR A 90 -21.13 8.98 13.99
C THR A 90 -22.36 8.97 14.90
N GLN A 91 -23.54 8.83 14.32
CA GLN A 91 -24.78 8.84 15.09
C GLN A 91 -25.13 7.50 15.74
N ALA A 92 -25.22 6.45 14.93
CA ALA A 92 -25.57 5.11 15.38
C ALA A 92 -24.81 4.57 16.58
N SER A 93 -25.37 3.53 17.18
CA SER A 93 -24.77 2.85 18.32
C SER A 93 -23.46 2.20 17.88
N THR A 94 -22.61 1.85 18.85
CA THR A 94 -21.33 1.23 18.53
C THR A 94 -21.34 -0.26 18.82
N HIS A 95 -22.52 -0.84 19.01
CA HIS A 95 -22.63 -2.27 19.33
C HIS A 95 -21.97 -3.19 18.32
N ASP A 96 -22.02 -2.83 17.04
CA ASP A 96 -21.43 -3.69 16.03
C ASP A 96 -20.26 -3.04 15.31
N SER A 97 -19.59 -2.12 15.99
CA SER A 97 -18.45 -1.46 15.39
C SER A 97 -17.29 -1.32 16.38
N VAL A 98 -16.08 -1.36 15.84
CA VAL A 98 -14.86 -1.21 16.63
C VAL A 98 -14.05 -0.19 15.83
N ALA A 99 -13.65 0.89 16.48
CA ALA A 99 -12.87 1.93 15.81
C ALA A 99 -12.14 2.76 16.84
N ASN A 100 -11.16 3.53 16.39
CA ASN A 100 -10.44 4.38 17.30
C ASN A 100 -11.29 5.64 17.47
N ASP A 101 -10.94 6.47 18.45
CA ASP A 101 -11.67 7.70 18.69
C ASP A 101 -11.08 8.77 17.77
N ASP A 102 -11.74 9.03 16.64
CA ASP A 102 -11.28 10.02 15.67
C ASP A 102 -11.25 11.44 16.22
N PHE A 103 -12.21 11.76 17.09
CA PHE A 103 -12.24 13.09 17.66
C PHE A 103 -10.98 13.31 18.50
N ARG A 104 -10.65 12.31 19.32
CA ARG A 104 -9.46 12.39 20.16
C ARG A 104 -8.19 12.42 19.32
N GLY A 105 -8.13 11.55 18.32
CA GLY A 105 -6.95 11.50 17.46
C GLY A 105 -6.65 12.82 16.78
N ALA A 106 -7.70 13.44 16.22
CA ALA A 106 -7.55 14.71 15.53
C ALA A 106 -7.20 15.81 16.54
N GLU A 107 -7.68 15.67 17.77
CA GLU A 107 -7.39 16.65 18.81
C GLU A 107 -5.89 16.57 19.14
N ILE A 108 -5.39 15.35 19.26
CA ILE A 108 -3.98 15.13 19.57
C ILE A 108 -3.10 15.74 18.49
N ALA A 109 -3.46 15.47 17.23
CA ALA A 109 -2.69 15.98 16.10
C ALA A 109 -2.66 17.50 16.07
N THR A 110 -3.82 18.11 16.21
CA THR A 110 -3.94 19.56 16.18
C THR A 110 -3.24 20.20 17.37
N LYS A 111 -3.47 19.64 18.55
CA LYS A 111 -2.85 20.15 19.76
C LYS A 111 -1.33 20.05 19.65
N HIS A 112 -0.82 19.00 19.01
CA HIS A 112 0.61 18.84 18.87
C HIS A 112 1.19 20.00 18.06
N LEU A 113 0.52 20.33 16.95
CA LEU A 113 0.99 21.43 16.11
C LEU A 113 0.91 22.74 16.89
N ILE A 114 -0.16 22.92 17.65
CA ILE A 114 -0.33 24.12 18.46
C ILE A 114 0.76 24.20 19.53
N ASP A 115 1.01 23.09 20.21
CA ASP A 115 2.05 23.09 21.25
C ASP A 115 3.43 23.31 20.64
N LEU A 116 3.58 23.03 19.34
CA LEU A 116 4.87 23.24 18.69
C LEU A 116 5.06 24.70 18.28
N GLY A 117 4.05 25.53 18.51
CA GLY A 117 4.17 26.93 18.17
C GLY A 117 3.54 27.39 16.87
N HIS A 118 2.86 26.48 16.18
CA HIS A 118 2.21 26.83 14.92
C HIS A 118 0.85 27.46 15.19
N THR A 119 0.49 28.47 14.42
CA THR A 119 -0.81 29.12 14.56
C THR A 119 -1.57 29.05 13.24
N HIS A 120 -0.85 29.24 12.14
CA HIS A 120 -1.47 29.15 10.81
C HIS A 120 -1.42 27.68 10.41
N ILE A 121 -2.37 26.93 10.93
CA ILE A 121 -2.48 25.50 10.70
C ILE A 121 -3.60 25.18 9.74
N ALA A 122 -3.32 24.29 8.80
CA ALA A 122 -4.34 23.90 7.83
C ALA A 122 -4.61 22.41 7.90
N HIS A 123 -5.83 22.03 7.52
CA HIS A 123 -6.24 20.63 7.52
C HIS A 123 -6.61 20.16 6.13
N LEU A 124 -6.08 19.01 5.71
CA LEU A 124 -6.43 18.44 4.42
C LEU A 124 -7.51 17.41 4.73
N ARG A 125 -8.74 17.68 4.30
CA ARG A 125 -9.82 16.77 4.63
C ARG A 125 -10.16 15.69 3.62
N VAL A 126 -10.90 14.70 4.11
CA VAL A 126 -11.36 13.56 3.34
C VAL A 126 -12.88 13.46 3.59
N GLY A 127 -13.63 13.06 2.58
CA GLY A 127 -15.08 12.99 2.72
C GLY A 127 -15.70 11.78 3.40
N SER A 128 -14.89 10.95 4.06
CA SER A 128 -15.41 9.76 4.73
C SER A 128 -15.99 10.09 6.10
N GLY A 129 -16.58 9.08 6.73
CA GLY A 129 -17.14 9.26 8.06
C GLY A 129 -16.06 9.63 9.05
N ALA A 130 -14.92 8.95 8.95
CA ALA A 130 -13.81 9.23 9.84
C ALA A 130 -13.25 10.60 9.47
N GLY A 131 -13.24 10.89 8.17
CA GLY A 131 -12.74 12.17 7.70
C GLY A 131 -13.54 13.33 8.28
N LEU A 132 -14.86 13.21 8.27
CA LEU A 132 -15.71 14.27 8.80
C LEU A 132 -15.44 14.48 10.28
N ARG A 133 -15.31 13.39 11.02
CA ARG A 133 -15.04 13.48 12.45
C ARG A 133 -13.70 14.18 12.71
N ARG A 134 -12.69 13.83 11.94
CA ARG A 134 -11.38 14.43 12.11
C ARG A 134 -11.40 15.91 11.75
N PHE A 135 -12.22 16.28 10.77
CA PHE A 135 -12.35 17.68 10.37
C PHE A 135 -13.06 18.46 11.47
N GLU A 136 -14.14 17.88 12.00
CA GLU A 136 -14.89 18.55 13.05
C GLU A 136 -14.04 18.76 14.30
N SER A 137 -13.25 17.75 14.66
CA SER A 137 -12.38 17.86 15.83
C SER A 137 -11.28 18.88 15.56
N PHE A 138 -10.75 18.89 14.34
CA PHE A 138 -9.72 19.86 13.99
C PHE A 138 -10.24 21.28 14.24
N GLU A 139 -11.43 21.56 13.73
CA GLU A 139 -12.01 22.89 13.92
C GLU A 139 -12.30 23.21 15.37
N ALA A 140 -12.88 22.24 16.09
CA ALA A 140 -13.20 22.46 17.49
C ALA A 140 -11.95 22.70 18.32
N THR A 141 -10.89 21.95 18.04
CA THR A 141 -9.65 22.10 18.77
C THR A 141 -9.00 23.44 18.45
N MSE A 142 -9.02 23.84 17.18
CA MSE A 142 -8.45 25.12 16.82
C MSE A 142 -9.18 26.26 17.55
O MSE A 142 -8.55 27.11 18.17
CB MSE A 142 -8.52 25.35 15.30
CG MSE A 142 -7.55 24.51 14.48
SE MSE A 142 -5.69 24.99 14.71
CE MSE A 142 -5.66 26.65 13.71
N ARG A 143 -10.51 26.23 17.50
CA ARG A 143 -11.30 27.27 18.18
C ARG A 143 -11.17 27.21 19.70
N ALA A 144 -10.97 26.03 20.24
CA ALA A 144 -10.82 25.90 21.68
C ALA A 144 -9.58 26.66 22.12
N HIS A 145 -8.57 26.68 21.25
CA HIS A 145 -7.31 27.35 21.52
C HIS A 145 -7.22 28.77 20.95
N GLY A 146 -8.38 29.31 20.56
CA GLY A 146 -8.44 30.67 20.03
C GLY A 146 -7.88 30.89 18.64
N LEU A 147 -7.80 29.82 17.85
CA LEU A 147 -7.28 29.91 16.50
C LEU A 147 -8.39 29.65 15.48
N GLU A 148 -8.30 30.33 14.35
CA GLU A 148 -9.29 30.16 13.29
C GLU A 148 -8.82 29.01 12.42
N PRO A 149 -9.63 27.93 12.31
CA PRO A 149 -9.23 26.80 11.49
C PRO A 149 -9.26 27.09 9.99
N LEU A 150 -8.42 26.37 9.25
CA LEU A 150 -8.36 26.50 7.80
C LEU A 150 -8.28 25.10 7.24
N SER A 151 -9.14 24.81 6.26
CA SER A 151 -9.16 23.50 5.62
C SER A 151 -9.51 23.67 4.15
N ASN A 152 -9.18 22.67 3.34
CA ASN A 152 -9.53 22.73 1.93
C ASN A 152 -10.98 22.25 1.85
N ASP A 153 -11.57 22.29 0.67
CA ASP A 153 -12.97 21.90 0.50
C ASP A 153 -13.15 20.47 -0.03
N TYR A 154 -12.05 19.88 -0.47
CA TYR A 154 -12.05 18.53 -1.01
C TYR A 154 -12.83 17.55 -0.13
N LEU A 155 -13.89 16.97 -0.68
CA LEU A 155 -14.68 16.00 0.08
C LEU A 155 -14.68 14.65 -0.65
N GLY A 156 -13.62 14.40 -1.42
CA GLY A 156 -13.51 13.16 -2.14
C GLY A 156 -12.81 12.10 -1.32
N PRO A 157 -12.43 10.97 -1.95
CA PRO A 157 -11.76 9.88 -1.24
C PRO A 157 -10.28 10.17 -0.97
N ALA A 158 -9.73 9.45 -0.01
CA ALA A 158 -8.33 9.62 0.35
C ALA A 158 -7.42 8.98 -0.70
N VAL A 159 -6.78 9.82 -1.50
CA VAL A 159 -5.86 9.34 -2.53
C VAL A 159 -4.65 10.25 -2.57
N GLU A 160 -3.49 9.69 -2.87
CA GLU A 160 -2.26 10.47 -2.91
C GLU A 160 -2.29 11.61 -3.89
N HIS A 161 -2.78 11.38 -5.11
CA HIS A 161 -2.78 12.43 -6.10
C HIS A 161 -3.54 13.67 -5.65
N ALA A 162 -4.69 13.49 -5.02
CA ALA A 162 -5.47 14.62 -4.54
C ALA A 162 -4.73 15.33 -3.40
N GLY A 163 -4.00 14.57 -2.59
CA GLY A 163 -3.27 15.20 -1.51
C GLY A 163 -2.22 16.13 -2.09
N TYR A 164 -1.65 15.70 -3.22
CA TYR A 164 -0.62 16.45 -3.90
C TYR A 164 -1.18 17.75 -4.48
N THR A 165 -2.20 17.64 -5.33
CA THR A 165 -2.76 18.84 -5.94
C THR A 165 -3.49 19.75 -4.97
N GLU A 166 -4.15 19.16 -3.97
CA GLU A 166 -4.84 19.98 -2.97
C GLU A 166 -3.83 20.77 -2.13
N THR A 167 -2.69 20.16 -1.82
CA THR A 167 -1.69 20.86 -1.03
C THR A 167 -1.05 21.98 -1.84
N LEU A 168 -0.76 21.73 -3.10
CA LEU A 168 -0.17 22.77 -3.94
C LEU A 168 -1.14 23.94 -4.05
N ALA A 169 -2.44 23.65 -4.15
CA ALA A 169 -3.44 24.71 -4.26
C ALA A 169 -3.59 25.45 -2.94
N LEU A 170 -3.65 24.70 -1.84
CA LEU A 170 -3.81 25.27 -0.51
C LEU A 170 -2.68 26.24 -0.15
N LEU A 171 -1.44 25.80 -0.36
CA LEU A 171 -0.29 26.64 -0.04
C LEU A 171 -0.15 27.83 -0.98
N LYS A 172 -0.70 27.72 -2.18
CA LYS A 172 -0.64 28.85 -3.11
C LYS A 172 -1.61 29.91 -2.61
N GLU A 173 -2.79 29.47 -2.19
CA GLU A 173 -3.82 30.38 -1.70
C GLU A 173 -3.49 30.90 -0.30
N HIS A 174 -2.77 30.10 0.47
CA HIS A 174 -2.43 30.48 1.84
C HIS A 174 -0.98 30.17 2.18
N PRO A 175 -0.04 30.94 1.61
CA PRO A 175 1.38 30.72 1.86
C PRO A 175 1.80 30.96 3.31
N GLU A 176 0.90 31.53 4.11
CA GLU A 176 1.20 31.80 5.52
C GLU A 176 1.14 30.52 6.35
N VAL A 177 0.54 29.47 5.78
CA VAL A 177 0.43 28.19 6.47
C VAL A 177 1.80 27.59 6.77
N THR A 178 2.01 27.21 8.04
CA THR A 178 3.29 26.64 8.45
C THR A 178 3.20 25.16 8.85
N ALA A 179 1.99 24.64 8.98
CA ALA A 179 1.82 23.25 9.36
C ALA A 179 0.52 22.70 8.80
N ILE A 180 0.52 21.43 8.45
CA ILE A 180 -0.66 20.79 7.91
C ILE A 180 -0.98 19.50 8.66
N PHE A 181 -2.25 19.35 9.05
CA PHE A 181 -2.69 18.12 9.68
C PHE A 181 -3.49 17.42 8.58
N SER A 182 -2.90 16.38 8.01
CA SER A 182 -3.54 15.62 6.94
C SER A 182 -4.48 14.59 7.53
N SER A 183 -5.69 14.50 6.99
CA SER A 183 -6.68 13.57 7.51
C SER A 183 -6.16 12.14 7.59
N ASN A 184 -5.26 11.77 6.70
CA ASN A 184 -4.68 10.43 6.74
C ASN A 184 -3.30 10.41 6.08
N ASP A 185 -2.58 9.32 6.28
CA ASP A 185 -1.23 9.19 5.73
C ASP A 185 -1.11 9.25 4.22
N ILE A 186 -1.99 8.55 3.50
CA ILE A 186 -1.88 8.55 2.04
C ILE A 186 -2.03 9.96 1.51
N THR A 187 -2.91 10.75 2.12
CA THR A 187 -3.07 12.14 1.69
C THR A 187 -1.78 12.91 2.03
N ALA A 188 -1.19 12.60 3.18
CA ALA A 188 0.03 13.26 3.63
C ALA A 188 1.20 12.98 2.68
N ILE A 189 1.20 11.82 2.04
CA ILE A 189 2.25 11.49 1.09
C ILE A 189 2.18 12.52 -0.04
N GLY A 190 0.95 12.87 -0.42
CA GLY A 190 0.76 13.86 -1.46
C GLY A 190 1.24 15.23 -0.98
N ALA A 191 0.94 15.54 0.27
CA ALA A 191 1.35 16.82 0.85
C ALA A 191 2.88 16.91 0.88
N LEU A 192 3.55 15.80 1.22
CA LEU A 192 5.01 15.80 1.26
C LEU A 192 5.57 16.01 -0.14
N GLY A 193 4.90 15.46 -1.15
CA GLY A 193 5.35 15.63 -2.51
C GLY A 193 5.18 17.08 -2.93
N ALA A 194 4.09 17.71 -2.49
CA ALA A 194 3.84 19.10 -2.83
C ALA A 194 4.94 19.97 -2.23
N ALA A 195 5.30 19.70 -0.97
CA ALA A 195 6.35 20.45 -0.31
C ALA A 195 7.65 20.32 -1.11
N ARG A 196 7.95 19.10 -1.55
CA ARG A 196 9.16 18.87 -2.34
C ARG A 196 9.11 19.67 -3.64
N GLU A 197 7.97 19.65 -4.33
CA GLU A 197 7.81 20.38 -5.58
C GLU A 197 7.98 21.89 -5.36
N LEU A 198 7.54 22.35 -4.19
CA LEU A 198 7.63 23.77 -3.86
C LEU A 198 8.98 24.20 -3.31
N GLY A 199 9.86 23.24 -3.06
CA GLY A 199 11.17 23.57 -2.51
C GLY A 199 11.11 23.88 -1.03
N LEU A 200 10.06 23.41 -0.37
CA LEU A 200 9.90 23.63 1.06
C LEU A 200 10.48 22.43 1.80
N ARG A 201 11.36 22.69 2.76
CA ARG A 201 11.95 21.62 3.53
C ARG A 201 10.97 21.17 4.61
N VAL A 202 10.85 19.87 4.80
CA VAL A 202 9.98 19.33 5.84
C VAL A 202 10.94 18.65 6.81
N PRO A 203 10.91 19.01 8.10
CA PRO A 203 10.06 20.01 8.77
C PRO A 203 10.60 21.44 8.90
N GLU A 204 11.81 21.69 8.41
CA GLU A 204 12.41 23.02 8.54
C GLU A 204 11.50 24.19 8.14
N ASP A 205 10.80 24.04 7.03
CA ASP A 205 9.91 25.11 6.57
C ASP A 205 8.44 24.81 6.82
N LEU A 206 8.05 23.55 6.63
CA LEU A 206 6.66 23.16 6.79
C LEU A 206 6.53 21.87 7.60
N SER A 207 5.62 21.87 8.57
CA SER A 207 5.38 20.68 9.39
C SER A 207 4.17 19.93 8.83
N ILE A 208 4.24 18.61 8.81
CA ILE A 208 3.14 17.79 8.33
C ILE A 208 2.90 16.60 9.25
N ILE A 209 1.65 16.41 9.67
CA ILE A 209 1.33 15.28 10.51
C ILE A 209 0.18 14.52 9.85
N GLY A 210 0.31 13.20 9.79
CA GLY A 210 -0.71 12.36 9.18
C GLY A 210 -1.58 11.63 10.17
N TYR A 211 -2.22 10.56 9.73
CA TYR A 211 -3.10 9.78 10.59
C TYR A 211 -3.22 8.38 9.98
N ASP A 212 -2.97 7.36 10.81
CA ASP A 212 -3.05 5.94 10.46
C ASP A 212 -1.79 5.13 10.79
N ASN A 213 -0.63 5.77 10.81
CA ASN A 213 0.62 5.06 11.04
C ASN A 213 0.71 3.86 10.09
N THR A 214 0.52 4.15 8.81
CA THR A 214 0.60 3.16 7.75
C THR A 214 2.04 2.68 7.65
N PRO A 215 2.26 1.54 6.99
CA PRO A 215 3.63 1.02 6.86
C PRO A 215 4.50 2.07 6.14
N LEU A 216 3.89 2.82 5.22
CA LEU A 216 4.59 3.85 4.48
C LEU A 216 5.15 4.92 5.42
N ALA A 217 4.35 5.31 6.40
CA ALA A 217 4.77 6.32 7.36
C ALA A 217 5.97 5.84 8.18
N GLN A 218 6.05 4.52 8.34
CA GLN A 218 7.10 3.87 9.11
C GLN A 218 8.45 3.75 8.41
N THR A 219 8.46 3.95 7.10
CA THR A 219 9.71 3.84 6.35
C THR A 219 10.68 4.97 6.67
N ARG A 220 11.97 4.70 6.52
CA ARG A 220 12.98 5.72 6.76
C ARG A 220 12.83 6.83 5.74
N LEU A 221 12.51 6.46 4.50
CA LEU A 221 12.36 7.46 3.44
C LEU A 221 11.28 8.50 3.73
N ILE A 222 10.11 8.04 4.14
CA ILE A 222 9.01 8.95 4.41
C ILE A 222 9.07 9.47 5.85
N ASN A 223 9.33 8.56 6.80
CA ASN A 223 9.49 8.94 8.21
C ASN A 223 8.46 9.97 8.66
N LEU A 224 7.20 9.63 8.48
CA LEU A 224 6.07 10.51 8.76
C LEU A 224 5.52 10.55 10.20
N THR A 225 5.45 11.75 10.78
CA THR A 225 4.86 11.92 12.10
C THR A 225 3.38 11.69 11.84
N THR A 226 2.75 10.86 12.66
CA THR A 226 1.35 10.51 12.42
C THR A 226 0.62 10.09 13.68
N ILE A 227 -0.70 10.04 13.59
CA ILE A 227 -1.52 9.61 14.71
C ILE A 227 -1.79 8.13 14.54
N ASP A 228 -1.39 7.33 15.53
CA ASP A 228 -1.63 5.89 15.48
C ASP A 228 -3.15 5.72 15.68
N ASP A 229 -3.82 5.11 14.71
CA ASP A 229 -5.26 4.89 14.79
C ASP A 229 -5.56 3.56 15.48
N ASN A 230 -4.54 2.97 16.09
CA ASN A 230 -4.68 1.70 16.79
C ASN A 230 -5.36 0.67 15.89
N SER A 231 -4.98 0.62 14.62
CA SER A 231 -5.59 -0.32 13.70
C SER A 231 -5.33 -1.77 14.10
N ILE A 232 -4.26 -2.01 14.86
CA ILE A 232 -3.97 -3.36 15.32
C ILE A 232 -4.99 -3.73 16.38
N GLY A 233 -5.26 -2.79 17.29
CA GLY A 233 -6.24 -3.03 18.34
C GLY A 233 -7.63 -3.18 17.76
N VAL A 234 -7.92 -2.42 16.71
CA VAL A 234 -9.22 -2.49 16.07
C VAL A 234 -9.43 -3.86 15.42
N GLY A 235 -8.41 -4.35 14.72
CA GLY A 235 -8.53 -5.65 14.09
C GLY A 235 -8.70 -6.74 15.14
N TYR A 236 -8.00 -6.58 16.26
CA TYR A 236 -8.06 -7.54 17.35
C TYR A 236 -9.45 -7.61 17.96
N ASN A 237 -9.98 -6.45 18.37
CA ASN A 237 -11.28 -6.42 18.99
C ASN A 237 -12.42 -6.72 18.02
N ALA A 238 -12.24 -6.33 16.76
CA ALA A 238 -13.26 -6.59 15.75
C ALA A 238 -13.38 -8.11 15.55
N ALA A 239 -12.24 -8.80 15.56
CA ALA A 239 -12.25 -10.25 15.40
C ALA A 239 -12.96 -10.88 16.59
N LEU A 240 -12.62 -10.43 17.79
CA LEU A 240 -13.27 -10.98 18.99
C LEU A 240 -14.77 -10.71 18.95
N LEU A 241 -15.16 -9.51 18.53
CA LEU A 241 -16.57 -9.16 18.48
C LEU A 241 -17.33 -10.04 17.50
N LEU A 242 -16.76 -10.24 16.31
CA LEU A 242 -17.40 -11.08 15.31
C LEU A 242 -17.54 -12.51 15.82
N LEU A 243 -16.47 -13.01 16.46
CA LEU A 243 -16.49 -14.36 17.00
C LEU A 243 -17.60 -14.53 18.02
N SER A 244 -17.86 -13.49 18.80
CA SER A 244 -18.91 -13.55 19.83
C SER A 244 -20.28 -13.69 19.17
N MSE A 245 -20.42 -13.18 17.94
CA MSE A 245 -21.68 -13.27 17.21
C MSE A 245 -21.78 -14.64 16.53
O MSE A 245 -22.86 -15.24 16.49
CB MSE A 245 -21.79 -12.19 16.14
CG MSE A 245 -21.75 -10.77 16.65
SE MSE A 245 -21.66 -9.51 15.18
CE MSE A 245 -21.81 -7.90 16.20
N LEU A 246 -20.68 -15.13 16.00
CA LEU A 246 -20.64 -16.43 15.32
C LEU A 246 -20.87 -17.59 16.28
N ASP A 247 -20.50 -17.40 17.54
CA ASP A 247 -20.67 -18.43 18.55
C ASP A 247 -21.29 -17.81 19.80
N PRO A 248 -22.59 -17.44 19.74
CA PRO A 248 -23.34 -16.82 20.83
C PRO A 248 -23.45 -17.64 22.12
N GLU A 249 -23.16 -18.94 22.05
CA GLU A 249 -23.24 -19.79 23.23
C GLU A 249 -21.92 -19.78 24.00
N ALA A 250 -20.85 -19.39 23.33
CA ALA A 250 -19.53 -19.35 23.96
C ALA A 250 -19.41 -18.07 24.77
N PRO A 251 -18.55 -18.08 25.81
CA PRO A 251 -18.36 -16.90 26.66
C PRO A 251 -17.98 -15.64 25.88
N HIS A 252 -18.59 -14.52 26.27
CA HIS A 252 -18.34 -13.24 25.63
C HIS A 252 -17.17 -12.57 26.35
N PRO A 253 -16.02 -12.42 25.66
CA PRO A 253 -14.85 -11.79 26.26
C PRO A 253 -14.98 -10.28 26.41
N GLU A 254 -13.97 -9.66 27.03
CA GLU A 254 -13.98 -8.22 27.22
C GLU A 254 -13.59 -7.61 25.88
N ILE A 255 -14.52 -6.87 25.29
CA ILE A 255 -14.28 -6.24 23.99
C ILE A 255 -14.25 -4.71 24.09
N MSE A 256 -13.25 -4.12 23.44
CA MSE A 256 -13.12 -2.67 23.40
C MSE A 256 -13.70 -2.20 22.07
O MSE A 256 -13.18 -2.52 21.00
CB MSE A 256 -11.66 -2.23 23.48
CG MSE A 256 -10.92 -2.63 24.75
SE MSE A 256 -11.71 -1.83 26.29
CE MSE A 256 -11.27 -0.01 25.91
N HIS A 257 -14.78 -1.42 22.13
CA HIS A 257 -15.43 -0.91 20.93
C HIS A 257 -14.78 0.38 20.43
N THR A 258 -14.18 1.12 21.35
CA THR A 258 -13.52 2.37 21.00
C THR A 258 -12.09 2.34 21.53
N LEU A 259 -11.12 2.33 20.61
CA LEU A 259 -9.72 2.31 21.02
C LEU A 259 -9.11 3.69 21.00
N GLN A 260 -8.14 3.91 21.89
CA GLN A 260 -7.49 5.21 21.97
C GLN A 260 -6.35 5.38 20.97
N PRO A 261 -6.34 6.52 20.27
CA PRO A 261 -5.27 6.78 19.30
C PRO A 261 -4.10 7.41 20.06
N SER A 262 -2.95 7.54 19.41
CA SER A 262 -1.79 8.12 20.06
C SER A 262 -0.84 8.73 19.04
N LEU A 263 -0.06 9.70 19.50
CA LEU A 263 0.89 10.39 18.63
C LEU A 263 2.19 9.61 18.48
N ILE A 264 2.67 9.51 17.24
CA ILE A 264 3.94 8.85 16.97
C ILE A 264 4.77 9.92 16.30
N GLU A 265 5.78 10.41 17.01
CA GLU A 265 6.63 11.45 16.48
C GLU A 265 7.78 10.89 15.65
N ARG A 266 7.86 11.37 14.41
CA ARG A 266 8.93 10.95 13.53
C ARG A 266 9.65 12.20 13.05
N GLY A 267 9.86 12.36 11.75
CA GLY A 267 10.62 13.52 11.32
C GLY A 267 9.97 14.63 10.53
N THR A 268 8.64 14.63 10.43
CA THR A 268 7.98 15.65 9.62
C THR A 268 7.40 16.87 10.34
N CYS A 269 7.62 16.98 11.64
CA CYS A 269 7.15 18.14 12.40
C CYS A 269 8.31 18.75 13.16
N ALA A 270 8.21 20.05 13.42
CA ALA A 270 9.25 20.76 14.16
C ALA A 270 8.63 22.00 14.80
N PRO A 271 9.27 22.52 15.86
CA PRO A 271 8.74 23.70 16.54
C PRO A 271 8.84 24.98 15.72
N ARG A 272 7.87 25.87 15.91
CA ARG A 272 7.80 27.16 15.24
C ARG A 272 8.22 27.11 13.77
N THR B 5 -21.06 -19.29 -9.49
CA THR B 5 -20.93 -18.20 -8.49
C THR B 5 -20.52 -16.90 -9.15
N GLN B 6 -19.95 -17.00 -10.34
CA GLN B 6 -19.48 -15.83 -11.09
C GLN B 6 -18.39 -15.14 -10.27
N LEU B 7 -17.69 -15.92 -9.45
CA LEU B 7 -16.65 -15.39 -8.60
C LEU B 7 -15.26 -15.82 -9.07
N ILE B 8 -14.34 -14.86 -9.14
CA ILE B 8 -12.98 -15.15 -9.55
C ILE B 8 -12.05 -14.83 -8.40
N ALA B 9 -11.29 -15.82 -7.96
CA ALA B 9 -10.35 -15.63 -6.86
C ALA B 9 -9.02 -15.16 -7.42
N VAL B 10 -8.47 -14.12 -6.82
CA VAL B 10 -7.20 -13.57 -7.25
C VAL B 10 -6.20 -13.71 -6.11
N LEU B 11 -5.14 -14.49 -6.34
CA LEU B 11 -4.14 -14.71 -5.31
C LEU B 11 -2.88 -13.87 -5.48
N ILE B 12 -2.54 -13.13 -4.43
CA ILE B 12 -1.34 -12.30 -4.43
C ILE B 12 -0.56 -12.64 -3.18
N ASP B 13 0.67 -12.16 -3.09
CA ASP B 13 1.48 -12.48 -1.93
C ASP B 13 1.38 -11.54 -0.74
N ASP B 14 1.56 -10.24 -0.99
CA ASP B 14 1.63 -9.27 0.10
C ASP B 14 0.98 -7.92 -0.24
N TYR B 15 0.00 -7.49 0.56
CA TYR B 15 -0.66 -6.22 0.33
C TYR B 15 0.34 -5.06 0.44
N SER B 16 1.46 -5.31 1.11
CA SER B 16 2.51 -4.30 1.31
C SER B 16 3.31 -4.00 0.05
N ASN B 17 3.22 -4.88 -0.94
CA ASN B 17 3.92 -4.70 -2.21
C ASN B 17 2.83 -4.47 -3.25
N PRO B 18 2.56 -3.20 -3.60
CA PRO B 18 1.55 -2.77 -4.56
C PRO B 18 1.77 -3.04 -6.04
N TRP B 19 2.64 -3.98 -6.36
CA TRP B 19 2.89 -4.29 -7.77
C TRP B 19 1.61 -4.75 -8.47
N PHE B 20 0.74 -5.41 -7.71
CA PHE B 20 -0.50 -5.99 -8.23
C PHE B 20 -1.69 -5.07 -8.43
N ILE B 21 -1.63 -3.85 -7.88
CA ILE B 21 -2.77 -2.96 -7.98
C ILE B 21 -3.33 -2.69 -9.38
N ASP B 22 -2.51 -2.22 -10.32
CA ASP B 22 -3.07 -1.97 -11.64
C ASP B 22 -3.29 -3.26 -12.43
N LEU B 23 -2.71 -4.36 -11.96
CA LEU B 23 -2.90 -5.65 -12.61
C LEU B 23 -4.34 -6.09 -12.28
N ILE B 24 -4.74 -5.95 -11.01
CA ILE B 24 -6.09 -6.32 -10.62
C ILE B 24 -7.10 -5.36 -11.27
N GLN B 25 -6.73 -4.09 -11.38
CA GLN B 25 -7.63 -3.12 -11.99
C GLN B 25 -7.89 -3.55 -13.43
N SER B 26 -6.83 -3.99 -14.10
CA SER B 26 -6.93 -4.44 -15.48
C SER B 26 -7.80 -5.70 -15.56
N LEU B 27 -7.52 -6.66 -14.69
CA LEU B 27 -8.31 -7.90 -14.65
C LEU B 27 -9.77 -7.54 -14.48
N SER B 28 -10.03 -6.62 -13.56
CA SER B 28 -11.39 -6.18 -13.26
C SER B 28 -12.06 -5.53 -14.48
N ASP B 29 -11.33 -4.66 -15.16
CA ASP B 29 -11.87 -3.97 -16.33
C ASP B 29 -12.31 -4.93 -17.42
N VAL B 30 -11.69 -6.10 -17.46
CA VAL B 30 -12.02 -7.10 -18.47
C VAL B 30 -13.10 -8.07 -17.98
N LEU B 31 -12.97 -8.53 -16.75
CA LEU B 31 -13.90 -9.49 -16.19
C LEU B 31 -15.23 -8.98 -15.61
N THR B 32 -15.19 -7.86 -14.89
CA THR B 32 -16.44 -7.36 -14.29
C THR B 32 -17.54 -7.02 -15.29
N PRO B 33 -17.21 -6.48 -16.47
CA PRO B 33 -18.27 -6.16 -17.42
C PRO B 33 -18.99 -7.43 -17.86
N LYS B 34 -18.29 -8.56 -17.77
CA LYS B 34 -18.83 -9.86 -18.14
C LYS B 34 -19.70 -10.46 -17.03
N GLY B 35 -19.82 -9.74 -15.92
CA GLY B 35 -20.64 -10.24 -14.82
C GLY B 35 -19.88 -10.89 -13.68
N TYR B 36 -18.56 -10.98 -13.79
CA TYR B 36 -17.75 -11.59 -12.76
C TYR B 36 -17.42 -10.62 -11.62
N ARG B 37 -17.17 -11.20 -10.45
CA ARG B 37 -16.81 -10.43 -9.26
C ARG B 37 -15.50 -11.04 -8.77
N LEU B 38 -14.64 -10.20 -8.22
CA LEU B 38 -13.33 -10.64 -7.75
C LEU B 38 -13.12 -10.53 -6.24
N SER B 39 -12.41 -11.49 -5.68
CA SER B 39 -12.09 -11.47 -4.26
C SER B 39 -10.61 -11.84 -4.18
N VAL B 40 -9.89 -11.24 -3.24
CA VAL B 40 -8.47 -11.50 -3.11
C VAL B 40 -8.05 -12.36 -1.93
N ILE B 41 -7.05 -13.20 -2.17
CA ILE B 41 -6.47 -14.07 -1.15
C ILE B 41 -4.97 -13.83 -1.20
N ASP B 42 -4.36 -13.58 -0.03
CA ASP B 42 -2.92 -13.36 0.01
C ASP B 42 -2.21 -14.57 0.58
N SER B 43 -0.91 -14.45 0.83
CA SER B 43 -0.16 -15.58 1.37
C SER B 43 0.27 -15.35 2.80
N LEU B 44 -0.09 -14.21 3.37
CA LEU B 44 0.32 -13.88 4.73
C LEU B 44 -0.79 -13.80 5.77
N THR B 45 -2.00 -13.48 5.34
CA THR B 45 -3.10 -13.32 6.29
C THR B 45 -4.37 -14.10 6.01
N SER B 46 -4.59 -14.49 4.76
CA SER B 46 -5.81 -15.22 4.41
C SER B 46 -5.97 -16.57 5.10
N GLN B 47 -4.87 -17.19 5.50
CA GLN B 47 -4.94 -18.48 6.18
C GLN B 47 -3.75 -18.67 7.12
N ALA B 48 -3.90 -19.60 8.07
CA ALA B 48 -2.84 -19.87 9.03
C ALA B 48 -1.68 -20.59 8.39
N GLY B 49 -1.99 -21.51 7.48
CA GLY B 49 -0.95 -22.27 6.81
C GLY B 49 -0.43 -21.68 5.52
N THR B 50 0.01 -22.57 4.63
CA THR B 50 0.55 -22.17 3.34
C THR B 50 -0.27 -22.74 2.20
N ASP B 51 -1.59 -22.74 2.37
CA ASP B 51 -2.49 -23.29 1.36
C ASP B 51 -3.53 -22.29 0.84
N PRO B 52 -3.08 -21.22 0.18
CA PRO B 52 -3.96 -20.18 -0.39
C PRO B 52 -4.98 -20.74 -1.38
N ILE B 53 -4.58 -21.74 -2.14
CA ILE B 53 -5.47 -22.34 -3.12
C ILE B 53 -6.68 -22.98 -2.44
N THR B 54 -6.45 -23.57 -1.26
CA THR B 54 -7.56 -24.17 -0.53
C THR B 54 -8.53 -23.08 -0.08
N SER B 55 -7.97 -21.92 0.29
CA SER B 55 -8.81 -20.79 0.70
C SER B 55 -9.63 -20.35 -0.51
N ALA B 56 -8.97 -20.26 -1.66
CA ALA B 56 -9.65 -19.85 -2.89
C ALA B 56 -10.81 -20.79 -3.23
N LEU B 57 -10.56 -22.09 -3.12
CA LEU B 57 -11.58 -23.08 -3.43
C LEU B 57 -12.81 -23.04 -2.52
N SER B 58 -12.63 -22.58 -1.27
CA SER B 58 -13.74 -22.55 -0.34
C SER B 58 -14.86 -21.59 -0.74
N MSE B 59 -14.58 -20.69 -1.67
CA MSE B 59 -15.61 -19.76 -2.13
C MSE B 59 -16.27 -20.30 -3.40
O MSE B 59 -17.16 -19.66 -3.95
CB MSE B 59 -15.00 -18.36 -2.39
CG MSE B 59 -14.25 -18.21 -3.72
SE MSE B 59 -13.69 -16.36 -4.09
CE MSE B 59 -12.66 -16.17 -2.49
N ARG B 60 -15.84 -21.48 -3.83
CA ARG B 60 -16.36 -22.12 -5.04
C ARG B 60 -16.26 -21.16 -6.22
N PRO B 61 -15.05 -20.66 -6.52
CA PRO B 61 -14.83 -19.73 -7.63
C PRO B 61 -14.96 -20.37 -9.00
N ASP B 62 -15.39 -19.57 -9.97
CA ASP B 62 -15.54 -20.04 -11.34
C ASP B 62 -14.15 -20.19 -11.96
N GLY B 63 -13.23 -19.34 -11.52
CA GLY B 63 -11.88 -19.36 -12.04
C GLY B 63 -10.91 -18.77 -11.03
N ILE B 64 -9.61 -18.94 -11.28
CA ILE B 64 -8.60 -18.43 -10.37
C ILE B 64 -7.42 -17.79 -11.10
N ILE B 65 -6.97 -16.66 -10.57
CA ILE B 65 -5.82 -15.96 -11.12
C ILE B 65 -4.76 -16.12 -10.03
N ILE B 66 -3.67 -16.79 -10.37
CA ILE B 66 -2.60 -17.02 -9.41
C ILE B 66 -1.46 -16.05 -9.68
N ALA B 67 -1.30 -15.07 -8.81
CA ALA B 67 -0.26 -14.07 -8.95
C ALA B 67 0.65 -14.08 -7.74
N GLN B 68 0.92 -15.28 -7.23
CA GLN B 68 1.80 -15.49 -6.07
C GLN B 68 2.94 -16.42 -6.46
N ASP B 69 3.49 -17.07 -5.43
CA ASP B 69 4.58 -18.04 -5.55
C ASP B 69 5.86 -17.57 -6.21
N ILE B 70 6.59 -18.53 -6.76
CA ILE B 70 7.86 -18.27 -7.43
C ILE B 70 7.82 -18.35 -8.96
N PRO B 71 6.98 -19.25 -9.52
CA PRO B 71 6.92 -19.34 -11.00
C PRO B 71 6.50 -18.04 -11.68
N ASP B 72 6.09 -18.15 -12.94
CA ASP B 72 5.64 -16.98 -13.69
C ASP B 72 4.40 -16.36 -13.04
N PHE B 73 4.50 -15.09 -12.68
CA PHE B 73 3.39 -14.40 -12.04
C PHE B 73 2.15 -14.29 -12.93
N THR B 74 1.03 -14.84 -12.45
CA THR B 74 -0.26 -14.84 -13.14
C THR B 74 -0.46 -16.09 -13.99
N VAL B 75 -1.18 -17.06 -13.43
CA VAL B 75 -1.46 -18.33 -14.10
C VAL B 75 -2.94 -18.70 -13.94
N PRO B 76 -3.79 -18.36 -14.93
CA PRO B 76 -5.22 -18.67 -14.85
C PRO B 76 -5.60 -20.15 -14.91
N ASP B 77 -6.58 -20.53 -14.10
CA ASP B 77 -7.04 -21.91 -14.06
C ASP B 77 -8.57 -22.00 -13.98
N SER B 78 -9.11 -23.08 -14.52
CA SER B 78 -10.56 -23.30 -14.52
C SER B 78 -11.11 -23.44 -13.10
N LEU B 79 -10.73 -24.53 -12.42
CA LEU B 79 -11.20 -24.77 -11.06
C LEU B 79 -10.35 -25.79 -10.30
N PRO B 80 -10.00 -26.92 -10.94
CA PRO B 80 -9.19 -27.94 -10.27
C PRO B 80 -7.86 -27.41 -9.74
N ASP B 96 -0.27 -21.63 -19.62
CA ASP B 96 -1.29 -21.15 -18.70
C ASP B 96 -0.78 -19.97 -17.89
N SER B 97 0.25 -19.30 -18.41
CA SER B 97 0.81 -18.15 -17.69
C SER B 97 1.02 -16.94 -18.59
N VAL B 98 0.86 -15.76 -17.99
CA VAL B 98 1.04 -14.49 -18.67
C VAL B 98 1.96 -13.68 -17.79
N ALA B 99 3.03 -13.14 -18.37
CA ALA B 99 3.99 -12.35 -17.59
C ALA B 99 4.87 -11.52 -18.50
N ASN B 100 5.55 -10.53 -17.92
CA ASN B 100 6.44 -9.70 -18.71
C ASN B 100 7.76 -10.46 -18.86
N ASP B 101 8.60 -10.02 -19.78
CA ASP B 101 9.89 -10.65 -19.99
C ASP B 101 10.84 -10.07 -18.95
N ASP B 102 11.02 -10.80 -17.85
CA ASP B 102 11.90 -10.34 -16.78
C ASP B 102 13.36 -10.22 -17.19
N PHE B 103 13.83 -11.10 -18.08
CA PHE B 103 15.22 -10.99 -18.49
C PHE B 103 15.40 -9.67 -19.23
N ARG B 104 14.48 -9.38 -20.14
CA ARG B 104 14.56 -8.15 -20.91
C ARG B 104 14.43 -6.93 -20.00
N GLY B 105 13.52 -7.01 -19.05
CA GLY B 105 13.33 -5.90 -18.13
C GLY B 105 14.60 -5.57 -17.37
N ALA B 106 15.22 -6.60 -16.80
CA ALA B 106 16.46 -6.42 -16.05
C ALA B 106 17.58 -5.92 -16.98
N GLU B 107 17.55 -6.36 -18.23
CA GLU B 107 18.55 -5.93 -19.19
C GLU B 107 18.43 -4.43 -19.44
N ILE B 108 17.19 -3.97 -19.65
CA ILE B 108 16.93 -2.55 -19.89
C ILE B 108 17.40 -1.70 -18.71
N ALA B 109 17.07 -2.14 -17.50
CA ALA B 109 17.45 -1.42 -16.30
C ALA B 109 18.97 -1.32 -16.17
N THR B 110 19.65 -2.45 -16.38
CA THR B 110 21.10 -2.49 -16.27
C THR B 110 21.76 -1.66 -17.36
N LYS B 111 21.27 -1.79 -18.59
CA LYS B 111 21.81 -1.03 -19.71
C LYS B 111 21.66 0.47 -19.48
N HIS B 112 20.52 0.88 -18.93
CA HIS B 112 20.28 2.29 -18.66
C HIS B 112 21.37 2.85 -17.75
N LEU B 113 21.66 2.15 -16.67
CA LEU B 113 22.70 2.60 -15.74
C LEU B 113 24.06 2.64 -16.42
N ILE B 114 24.33 1.63 -17.26
CA ILE B 114 25.60 1.56 -17.98
C ILE B 114 25.72 2.75 -18.95
N ASP B 115 24.68 3.01 -19.71
CA ASP B 115 24.70 4.11 -20.66
C ASP B 115 24.85 5.47 -19.98
N LEU B 116 24.42 5.56 -18.71
CA LEU B 116 24.55 6.80 -17.96
C LEU B 116 25.99 6.98 -17.49
N GLY B 117 26.83 5.97 -17.76
CA GLY B 117 28.23 6.07 -17.36
C GLY B 117 28.63 5.38 -16.07
N HIS B 118 27.72 4.68 -15.43
CA HIS B 118 28.03 3.98 -14.19
C HIS B 118 28.78 2.68 -14.48
N THR B 119 29.80 2.41 -13.66
CA THR B 119 30.60 1.21 -13.80
C THR B 119 30.42 0.29 -12.60
N HIS B 120 30.42 0.89 -11.41
CA HIS B 120 30.22 0.16 -10.17
C HIS B 120 28.74 0.14 -9.86
N ILE B 121 28.06 -0.84 -10.45
CA ILE B 121 26.61 -1.00 -10.31
C ILE B 121 26.29 -2.21 -9.46
N ALA B 122 25.34 -2.06 -8.55
CA ALA B 122 24.94 -3.16 -7.68
C ALA B 122 23.48 -3.50 -7.88
N HIS B 123 23.14 -4.75 -7.59
CA HIS B 123 21.77 -5.23 -7.71
C HIS B 123 21.27 -5.70 -6.35
N LEU B 124 20.07 -5.27 -5.99
CA LEU B 124 19.45 -5.71 -4.74
C LEU B 124 18.50 -6.82 -5.19
N ARG B 125 18.80 -8.05 -4.81
CA ARG B 125 17.96 -9.16 -5.26
C ARG B 125 16.87 -9.62 -4.32
N VAL B 126 15.95 -10.39 -4.87
CA VAL B 126 14.83 -10.96 -4.14
C VAL B 126 14.77 -12.43 -4.53
N GLY B 127 14.28 -13.28 -3.63
CA GLY B 127 14.24 -14.71 -3.89
C GLY B 127 13.11 -15.34 -4.68
N SER B 128 12.30 -14.54 -5.35
CA SER B 128 11.19 -15.07 -6.14
C SER B 128 11.67 -15.52 -7.51
N GLY B 129 10.79 -16.16 -8.26
CA GLY B 129 11.15 -16.62 -9.59
C GLY B 129 11.51 -15.44 -10.48
N ALA B 130 10.73 -14.37 -10.37
CA ALA B 130 10.99 -13.17 -11.16
C ALA B 130 12.31 -12.58 -10.70
N GLY B 131 12.53 -12.57 -9.39
CA GLY B 131 13.77 -12.03 -8.85
C GLY B 131 14.99 -12.80 -9.32
N LEU B 132 14.87 -14.12 -9.39
CA LEU B 132 15.99 -14.95 -9.82
C LEU B 132 16.31 -14.61 -11.28
N ARG B 133 15.28 -14.46 -12.09
CA ARG B 133 15.49 -14.13 -13.49
C ARG B 133 16.12 -12.75 -13.66
N ARG B 134 15.67 -11.78 -12.87
CA ARG B 134 16.23 -10.43 -12.97
C ARG B 134 17.67 -10.41 -12.51
N PHE B 135 18.01 -11.27 -11.53
CA PHE B 135 19.38 -11.35 -11.04
C PHE B 135 20.27 -11.94 -12.14
N GLU B 136 19.80 -13.03 -12.73
CA GLU B 136 20.57 -13.69 -13.79
C GLU B 136 20.81 -12.74 -14.96
N SER B 137 19.79 -11.98 -15.31
CA SER B 137 19.91 -11.03 -16.42
C SER B 137 20.89 -9.93 -16.04
N PHE B 138 20.81 -9.47 -14.80
CA PHE B 138 21.72 -8.44 -14.34
C PHE B 138 23.17 -8.88 -14.53
N GLU B 139 23.51 -10.07 -14.04
CA GLU B 139 24.89 -10.53 -14.16
C GLU B 139 25.31 -10.71 -15.62
N ALA B 140 24.45 -11.34 -16.40
CA ALA B 140 24.74 -11.58 -17.81
C ALA B 140 24.94 -10.29 -18.59
N THR B 141 24.11 -9.28 -18.28
CA THR B 141 24.19 -8.01 -18.96
C THR B 141 25.45 -7.25 -18.55
N MSE B 142 25.80 -7.28 -17.27
CA MSE B 142 26.99 -6.59 -16.82
C MSE B 142 28.22 -7.17 -17.52
O MSE B 142 29.01 -6.44 -18.10
CB MSE B 142 27.17 -6.72 -15.29
CG MSE B 142 26.23 -5.83 -14.47
SE MSE B 142 26.53 -3.94 -14.65
CE MSE B 142 28.09 -3.76 -13.51
N ARG B 143 28.36 -8.50 -17.48
CA ARG B 143 29.51 -9.15 -18.11
C ARG B 143 29.57 -8.94 -19.62
N ALA B 144 28.41 -8.91 -20.27
CA ALA B 144 28.38 -8.70 -21.72
C ALA B 144 28.86 -7.29 -22.05
N HIS B 145 28.68 -6.35 -21.12
CA HIS B 145 29.10 -4.97 -21.33
C HIS B 145 30.49 -4.71 -20.76
N GLY B 146 31.16 -5.76 -20.34
CA GLY B 146 32.51 -5.65 -19.80
C GLY B 146 32.64 -5.27 -18.34
N LEU B 147 31.53 -5.27 -17.59
CA LEU B 147 31.58 -4.90 -16.19
C LEU B 147 31.35 -6.05 -15.22
N GLU B 148 31.99 -5.95 -14.05
CA GLU B 148 31.86 -6.96 -13.02
C GLU B 148 30.59 -6.65 -12.23
N PRO B 149 29.66 -7.62 -12.16
CA PRO B 149 28.42 -7.37 -11.41
C PRO B 149 28.62 -7.50 -9.91
N LEU B 150 27.76 -6.82 -9.15
CA LEU B 150 27.80 -6.87 -7.71
C LEU B 150 26.36 -6.97 -7.23
N SER B 151 26.07 -7.96 -6.39
CA SER B 151 24.72 -8.13 -5.86
C SER B 151 24.82 -8.54 -4.40
N ASN B 152 23.74 -8.35 -3.64
CA ASN B 152 23.75 -8.77 -2.25
C ASN B 152 23.31 -10.23 -2.31
N ASP B 153 23.28 -10.92 -1.17
CA ASP B 153 22.89 -12.33 -1.18
C ASP B 153 21.49 -12.58 -0.62
N TYR B 154 20.77 -11.49 -0.33
CA TYR B 154 19.42 -11.59 0.20
C TYR B 154 18.54 -12.43 -0.71
N LEU B 155 17.96 -13.48 -0.17
CA LEU B 155 17.10 -14.37 -0.94
C LEU B 155 15.69 -14.46 -0.34
N GLY B 156 15.34 -13.47 0.47
CA GLY B 156 14.03 -13.47 1.08
C GLY B 156 13.00 -12.76 0.23
N PRO B 157 11.80 -12.52 0.76
CA PRO B 157 10.74 -11.84 0.02
C PRO B 157 11.02 -10.35 -0.17
N ALA B 158 10.32 -9.75 -1.11
CA ALA B 158 10.48 -8.33 -1.40
C ALA B 158 9.76 -7.49 -0.35
N VAL B 159 10.53 -6.87 0.54
CA VAL B 159 9.98 -6.03 1.59
C VAL B 159 10.81 -4.75 1.73
N GLU B 160 10.15 -3.65 2.08
CA GLU B 160 10.84 -2.38 2.23
C GLU B 160 11.95 -2.38 3.27
N HIS B 161 11.70 -2.99 4.42
CA HIS B 161 12.69 -3.01 5.48
C HIS B 161 13.99 -3.68 5.08
N ALA B 162 13.90 -4.80 4.38
CA ALA B 162 15.10 -5.51 3.93
C ALA B 162 15.83 -4.63 2.92
N GLY B 163 15.06 -3.93 2.09
CA GLY B 163 15.71 -3.07 1.12
C GLY B 163 16.54 -2.00 1.81
N TYR B 164 16.03 -1.52 2.94
CA TYR B 164 16.72 -0.50 3.71
C TYR B 164 18.01 -1.04 4.34
N THR B 165 17.90 -2.10 5.12
CA THR B 165 19.08 -2.65 5.79
C THR B 165 20.08 -3.27 4.81
N GLU B 166 19.57 -3.87 3.74
CA GLU B 166 20.46 -4.46 2.73
C GLU B 166 21.25 -3.36 2.02
N THR B 167 20.60 -2.23 1.76
CA THR B 167 21.30 -1.15 1.07
C THR B 167 22.34 -0.50 1.97
N LEU B 168 22.03 -0.32 3.24
CA LEU B 168 23.00 0.27 4.17
C LEU B 168 24.21 -0.64 4.28
N ALA B 169 23.97 -1.95 4.28
CA ALA B 169 25.06 -2.91 4.40
C ALA B 169 25.89 -2.96 3.12
N LEU B 170 25.20 -3.01 1.98
CA LEU B 170 25.85 -3.05 0.68
C LEU B 170 26.75 -1.84 0.45
N LEU B 171 26.22 -0.65 0.72
CA LEU B 171 27.01 0.56 0.51
C LEU B 171 28.15 0.73 1.50
N LYS B 172 28.05 0.08 2.67
CA LYS B 172 29.14 0.15 3.64
C LYS B 172 30.27 -0.75 3.17
N GLU B 173 29.90 -1.92 2.66
CA GLU B 173 30.87 -2.89 2.17
C GLU B 173 31.48 -2.45 0.85
N HIS B 174 30.69 -1.75 0.05
CA HIS B 174 31.14 -1.28 -1.26
C HIS B 174 30.77 0.18 -1.53
N PRO B 175 31.47 1.12 -0.87
CA PRO B 175 31.20 2.53 -1.06
C PRO B 175 31.47 3.03 -2.48
N GLU B 176 32.12 2.20 -3.30
CA GLU B 176 32.42 2.59 -4.69
C GLU B 176 31.17 2.54 -5.56
N VAL B 177 30.14 1.86 -5.09
CA VAL B 177 28.89 1.75 -5.85
C VAL B 177 28.28 3.12 -6.09
N THR B 178 27.91 3.41 -7.34
CA THR B 178 27.32 4.70 -7.68
C THR B 178 25.89 4.56 -8.21
N ALA B 179 25.47 3.33 -8.45
CA ALA B 179 24.13 3.07 -8.98
C ALA B 179 23.62 1.71 -8.53
N ILE B 180 22.33 1.65 -8.24
CA ILE B 180 21.70 0.43 -7.80
C ILE B 180 20.47 0.06 -8.62
N PHE B 181 20.42 -1.18 -9.10
CA PHE B 181 19.25 -1.66 -9.80
C PHE B 181 18.55 -2.55 -8.77
N SER B 182 17.42 -2.06 -8.24
CA SER B 182 16.66 -2.81 -7.26
C SER B 182 15.70 -3.77 -7.97
N SER B 183 15.64 -5.01 -7.51
CA SER B 183 14.79 -6.03 -8.13
C SER B 183 13.34 -5.58 -8.28
N ASN B 184 12.88 -4.72 -7.36
CA ASN B 184 11.53 -4.19 -7.48
C ASN B 184 11.39 -2.87 -6.72
N ASP B 185 10.26 -2.20 -6.95
CA ASP B 185 10.01 -0.90 -6.33
C ASP B 185 9.97 -0.87 -4.82
N ILE B 186 9.28 -1.83 -4.20
CA ILE B 186 9.19 -1.82 -2.76
C ILE B 186 10.59 -1.92 -2.13
N THR B 187 11.48 -2.68 -2.77
CA THR B 187 12.83 -2.81 -2.26
C THR B 187 13.56 -1.48 -2.47
N ALA B 188 13.28 -0.84 -3.62
CA ALA B 188 13.90 0.44 -3.95
C ALA B 188 13.50 1.53 -2.95
N ILE B 189 12.28 1.44 -2.40
CA ILE B 189 11.84 2.42 -1.41
C ILE B 189 12.80 2.32 -0.23
N GLY B 190 13.21 1.10 0.08
CA GLY B 190 14.15 0.89 1.17
C GLY B 190 15.50 1.47 0.81
N ALA B 191 15.95 1.24 -0.42
CA ALA B 191 17.23 1.78 -0.88
C ALA B 191 17.24 3.30 -0.83
N LEU B 192 16.13 3.92 -1.23
CA LEU B 192 16.06 5.38 -1.18
C LEU B 192 16.14 5.88 0.26
N GLY B 193 15.56 5.12 1.17
CA GLY B 193 15.62 5.49 2.58
C GLY B 193 17.05 5.39 3.07
N ALA B 194 17.77 4.36 2.61
CA ALA B 194 19.14 4.17 3.01
C ALA B 194 19.98 5.34 2.53
N ALA B 195 19.74 5.76 1.29
CA ALA B 195 20.48 6.88 0.74
C ALA B 195 20.22 8.11 1.61
N ARG B 196 18.97 8.31 1.99
CA ARG B 196 18.64 9.45 2.83
C ARG B 196 19.38 9.39 4.17
N GLU B 197 19.39 8.22 4.79
CA GLU B 197 20.05 8.05 6.08
C GLU B 197 21.55 8.31 5.97
N LEU B 198 22.14 7.93 4.83
CA LEU B 198 23.56 8.11 4.58
C LEU B 198 23.91 9.51 4.09
N GLY B 199 22.88 10.33 3.84
CA GLY B 199 23.16 11.68 3.36
C GLY B 199 23.56 11.70 1.90
N LEU B 200 23.25 10.63 1.17
CA LEU B 200 23.57 10.55 -0.25
C LEU B 200 22.42 11.11 -1.06
N ARG B 201 22.72 12.13 -1.87
CA ARG B 201 21.71 12.73 -2.71
C ARG B 201 21.35 11.79 -3.84
N VAL B 202 20.06 11.69 -4.12
CA VAL B 202 19.59 10.86 -5.22
C VAL B 202 18.93 11.86 -6.17
N PRO B 203 19.39 11.91 -7.43
CA PRO B 203 20.45 11.11 -8.05
C PRO B 203 21.87 11.70 -8.09
N GLU B 204 22.08 12.87 -7.49
CA GLU B 204 23.40 13.51 -7.53
C GLU B 204 24.57 12.64 -7.08
N ASP B 205 24.37 11.86 -6.02
CA ASP B 205 25.44 11.01 -5.51
C ASP B 205 25.22 9.54 -5.83
N LEU B 206 23.95 9.13 -5.85
CA LEU B 206 23.60 7.75 -6.10
C LEU B 206 22.38 7.61 -7.00
N SER B 207 22.48 6.74 -8.00
CA SER B 207 21.37 6.48 -8.91
C SER B 207 20.66 5.20 -8.48
N ILE B 208 19.33 5.20 -8.54
CA ILE B 208 18.55 4.05 -8.16
C ILE B 208 17.42 3.84 -9.16
N ILE B 209 17.28 2.61 -9.65
CA ILE B 209 16.20 2.29 -10.59
C ILE B 209 15.50 1.04 -10.05
N GLY B 210 14.17 1.08 -10.06
CA GLY B 210 13.41 -0.04 -9.55
C GLY B 210 12.77 -0.87 -10.64
N TYR B 211 11.71 -1.58 -10.28
CA TYR B 211 11.01 -2.44 -11.22
C TYR B 211 9.57 -2.64 -10.72
N ASP B 212 8.60 -2.40 -11.60
CA ASP B 212 7.16 -2.56 -11.38
C ASP B 212 6.32 -1.33 -11.71
N ASN B 213 6.87 -0.14 -11.53
CA ASN B 213 6.10 1.09 -11.75
C ASN B 213 4.86 1.08 -10.87
N THR B 214 5.09 0.82 -9.59
CA THR B 214 4.02 0.79 -8.59
C THR B 214 3.46 2.20 -8.43
N PRO B 215 2.27 2.33 -7.83
CA PRO B 215 1.69 3.65 -7.63
C PRO B 215 2.66 4.52 -6.82
N LEU B 216 3.39 3.88 -5.91
CA LEU B 216 4.37 4.57 -5.08
C LEU B 216 5.45 5.25 -5.92
N ALA B 217 5.94 4.52 -6.92
CA ALA B 217 7.00 5.05 -7.79
C ALA B 217 6.50 6.26 -8.56
N GLN B 218 5.19 6.27 -8.81
CA GLN B 218 4.53 7.34 -9.56
C GLN B 218 4.30 8.64 -8.79
N THR B 219 4.43 8.60 -7.47
CA THR B 219 4.21 9.79 -6.67
C THR B 219 5.27 10.86 -6.88
N ARG B 220 4.91 12.12 -6.66
CA ARG B 220 5.89 13.19 -6.82
C ARG B 220 6.97 13.06 -5.74
N LEU B 221 6.57 12.62 -4.56
CA LEU B 221 7.51 12.48 -3.44
C LEU B 221 8.61 11.47 -3.72
N ILE B 222 8.23 10.30 -4.21
CA ILE B 222 9.21 9.25 -4.49
C ILE B 222 9.79 9.44 -5.90
N ASN B 223 8.91 9.65 -6.88
CA ASN B 223 9.34 9.93 -8.25
C ASN B 223 10.49 9.01 -8.70
N LEU B 224 10.22 7.70 -8.61
CA LEU B 224 11.21 6.67 -8.92
C LEU B 224 11.33 6.18 -10.35
N THR B 225 12.55 6.18 -10.86
CA THR B 225 12.82 5.67 -12.22
C THR B 225 12.65 4.16 -12.04
N THR B 226 11.93 3.53 -12.96
CA THR B 226 11.64 2.12 -12.79
C THR B 226 11.32 1.43 -14.10
N ILE B 227 11.32 0.10 -14.08
CA ILE B 227 10.99 -0.67 -15.26
C ILE B 227 9.49 -0.97 -15.19
N ASP B 228 8.77 -0.56 -16.22
CA ASP B 228 7.34 -0.85 -16.29
C ASP B 228 7.27 -2.34 -16.58
N ASP B 229 6.67 -3.12 -15.68
CA ASP B 229 6.56 -4.56 -15.86
C ASP B 229 5.32 -4.95 -16.67
N ASN B 230 4.70 -3.96 -17.29
CA ASN B 230 3.50 -4.17 -18.09
C ASN B 230 2.45 -4.94 -17.29
N SER B 231 2.30 -4.59 -16.01
CA SER B 231 1.32 -5.29 -15.17
C SER B 231 -0.10 -5.05 -15.67
N ILE B 232 -0.33 -3.94 -16.37
CA ILE B 232 -1.65 -3.65 -16.91
C ILE B 232 -1.92 -4.59 -18.07
N GLY B 233 -0.91 -4.80 -18.91
CA GLY B 233 -1.05 -5.70 -20.03
C GLY B 233 -1.16 -7.14 -19.56
N VAL B 234 -0.42 -7.47 -18.52
CA VAL B 234 -0.45 -8.82 -17.97
C VAL B 234 -1.84 -9.12 -17.43
N GLY B 235 -2.43 -8.15 -16.74
CA GLY B 235 -3.76 -8.35 -16.20
C GLY B 235 -4.78 -8.48 -17.32
N TYR B 236 -4.59 -7.71 -18.38
CA TYR B 236 -5.50 -7.74 -19.52
C TYR B 236 -5.48 -9.10 -20.22
N ASN B 237 -4.31 -9.54 -20.64
CA ASN B 237 -4.17 -10.82 -21.33
C ASN B 237 -4.50 -12.01 -20.42
N ALA B 238 -4.17 -11.89 -19.14
CA ALA B 238 -4.47 -12.98 -18.21
C ALA B 238 -5.99 -13.16 -18.16
N ALA B 239 -6.70 -12.05 -18.14
CA ALA B 239 -8.16 -12.06 -18.08
C ALA B 239 -8.73 -12.67 -19.36
N LEU B 240 -8.19 -12.29 -20.51
CA LEU B 240 -8.67 -12.82 -21.78
C LEU B 240 -8.42 -14.33 -21.81
N LEU B 241 -7.24 -14.74 -21.33
CA LEU B 241 -6.88 -16.15 -21.33
C LEU B 241 -7.85 -16.94 -20.44
N LEU B 242 -8.16 -16.40 -19.27
CA LEU B 242 -9.08 -17.07 -18.36
C LEU B 242 -10.46 -17.14 -18.98
N LEU B 243 -10.87 -16.07 -19.65
CA LEU B 243 -12.17 -16.03 -20.29
C LEU B 243 -12.27 -17.11 -21.36
N SER B 244 -11.17 -17.36 -22.07
CA SER B 244 -11.14 -18.38 -23.12
C SER B 244 -11.30 -19.78 -22.53
N MSE B 245 -10.96 -19.92 -21.24
CA MSE B 245 -11.09 -21.21 -20.56
C MSE B 245 -12.52 -21.35 -20.04
O MSE B 245 -13.11 -22.43 -20.08
CB MSE B 245 -10.10 -21.30 -19.39
CG MSE B 245 -8.63 -21.30 -19.78
SE MSE B 245 -7.44 -21.17 -18.29
CE MSE B 245 -5.77 -21.34 -19.23
N LEU B 246 -13.07 -20.25 -19.55
CA LEU B 246 -14.44 -20.23 -19.03
C LEU B 246 -15.46 -20.23 -20.16
N GLU B 254 -4.18 -14.84 -32.00
CA GLU B 254 -4.12 -15.18 -30.58
C GLU B 254 -3.57 -13.99 -29.79
N ILE B 255 -2.97 -14.28 -28.64
CA ILE B 255 -2.37 -13.25 -27.80
C ILE B 255 -1.00 -13.68 -27.35
N MSE B 256 -0.19 -12.70 -26.95
CA MSE B 256 1.15 -12.96 -26.46
C MSE B 256 1.04 -13.27 -24.98
O MSE B 256 0.27 -12.65 -24.26
CB MSE B 256 2.05 -11.73 -26.67
CG MSE B 256 2.20 -11.34 -28.13
SE MSE B 256 3.08 -12.68 -29.18
CE MSE B 256 3.09 -11.81 -30.89
N HIS B 257 1.81 -14.27 -24.53
CA HIS B 257 1.78 -14.63 -23.12
C HIS B 257 2.97 -13.98 -22.41
N THR B 258 3.87 -13.41 -23.20
CA THR B 258 5.05 -12.73 -22.67
C THR B 258 5.00 -11.29 -23.14
N LEU B 259 4.81 -10.37 -22.20
CA LEU B 259 4.71 -8.96 -22.52
C LEU B 259 6.02 -8.21 -22.37
N GLN B 260 6.17 -7.14 -23.14
CA GLN B 260 7.39 -6.35 -23.11
C GLN B 260 7.44 -5.29 -22.03
N PRO B 261 8.55 -5.25 -21.28
CA PRO B 261 8.70 -4.25 -20.22
C PRO B 261 9.29 -3.02 -20.89
N SER B 262 9.36 -1.91 -20.18
CA SER B 262 9.92 -0.68 -20.74
C SER B 262 10.40 0.22 -19.62
N LEU B 263 11.35 1.09 -19.96
CA LEU B 263 11.92 2.02 -19.00
C LEU B 263 11.07 3.27 -18.83
N ILE B 264 10.85 3.66 -17.57
CA ILE B 264 10.11 4.88 -17.27
C ILE B 264 11.09 5.73 -16.49
N GLU B 265 11.57 6.80 -17.11
CA GLU B 265 12.53 7.67 -16.47
C GLU B 265 11.86 8.74 -15.63
N ARG B 266 12.24 8.80 -14.34
CA ARG B 266 11.72 9.82 -13.46
C ARG B 266 12.92 10.57 -12.87
N GLY B 267 12.96 10.78 -11.57
CA GLY B 267 14.07 11.56 -11.02
C GLY B 267 15.13 10.89 -10.17
N THR B 268 15.24 9.56 -10.21
CA THR B 268 16.23 8.89 -9.36
C THR B 268 17.52 8.42 -10.02
N CYS B 269 17.69 8.72 -11.32
CA CYS B 269 18.91 8.35 -12.02
C CYS B 269 19.51 9.57 -12.69
N ALA B 270 20.82 9.55 -12.90
CA ALA B 270 21.52 10.65 -13.53
C ALA B 270 22.86 10.14 -14.07
N PRO B 271 23.42 10.85 -15.06
CA PRO B 271 24.71 10.40 -15.61
C PRO B 271 25.83 10.57 -14.60
N ARG B 272 26.81 9.67 -14.64
CA ARG B 272 27.95 9.72 -13.73
C ARG B 272 28.87 8.53 -13.97
MG MG C . -2.90 2.15 11.69
MG MG D . 3.48 -2.54 -12.85
#